data_3EQQ
#
_entry.id   3EQQ
#
_cell.length_a   235.873
_cell.length_b   235.873
_cell.length_c   235.873
_cell.angle_alpha   90.00
_cell.angle_beta   90.00
_cell.angle_gamma   90.00
#
_symmetry.space_group_name_H-M   'P 43 3 2'
#
loop_
_entity.id
_entity.type
_entity.pdbx_description
1 polymer 'Benzene 1,2-dioxygenase subunit alpha'
2 polymer 'Benzene 1,2-dioxygenase subunit beta'
3 non-polymer 'FE2/S2 (INORGANIC) CLUSTER'
4 non-polymer 'FE (II) ION'
#
loop_
_entity_poly.entity_id
_entity_poly.type
_entity_poly.pdbx_seq_one_letter_code
_entity_poly.pdbx_strand_id
1 'polypeptide(L)'
;MNQTDTSPIRLRRSWNTSEIEALFDEHAGRIDPRIYTDEDLYQLELERVFARSWLLLGHETQIRKPGDYITTYMGEDPVV
VVRQKDASIAVFLNQCRHRGMRICRADAGNAKAFTCSYHGWAYDTAGNLVNVPYEAESFACLNKKEWSPLKARVETYKGL
IFANWDENAVDLDTYLGEAKFYMDHMLDRTEAGTEAIPGVQKWVIPCNWKFAAEQFCSDMYHAGTTSHLSGILAGLPEDL
EMADLAPPTVGKQYRASWGGHGSGFYVGDPNLMLAIMGPKVTSYWTEGPASEKAAERLGSVERGSKLMVEHMTVFPTCSF
LPGINTVRTWHPRGPNEVEVWAFTVVDADAPDDIKEEFRRQTLRTFSAGGVFEQDDGENWVEIQHILRGHKARSRPFNAE
MSMDQTVDNDPVYPGRISNNVYSEEAARGLYAHWLRMMTSPDWDALKATR
;
A
2 'polypeptide(L)'
;MIDSANRADVFLRKPAPVAPELQHEVEQFYYWEAKLLNDRRFEEWFALLAEDIHYFMPIRTTRIMRDSRLEYSGSREYAH
FDDDATMMKGRLRKITSDVSWSENPASRTRHLVSNVMIVGAEAEGEYEISSAFIVYRNRLERQLDIFAGERRDTLRRNTS
EAGFEIVNRTILIDQSTILANNLSFFF
;
B
#
loop_
_chem_comp.id
_chem_comp.type
_chem_comp.name
_chem_comp.formula
FE2 non-polymer 'FE (II) ION' 'Fe 2'
FES non-polymer 'FE2/S2 (INORGANIC) CLUSTER' 'Fe2 S2'
#
# COMPACT_ATOMS: atom_id res chain seq x y z
N TRP A 15 32.94 -2.01 4.85
CA TRP A 15 32.89 -1.57 3.39
C TRP A 15 33.94 -0.52 3.03
N ASN A 16 33.59 0.63 2.44
CA ASN A 16 34.63 1.56 1.93
C ASN A 16 34.26 2.37 0.69
N THR A 17 34.25 3.69 0.90
CA THR A 17 33.95 4.71 -0.11
C THR A 17 34.17 4.27 -1.58
N SER A 18 35.29 3.61 -1.81
CA SER A 18 35.72 3.25 -3.15
C SER A 18 34.93 2.09 -3.72
N GLU A 19 34.77 1.03 -2.96
CA GLU A 19 34.12 -0.18 -3.45
C GLU A 19 32.62 -0.16 -3.31
N ILE A 20 32.08 0.76 -2.52
CA ILE A 20 30.64 1.00 -2.54
C ILE A 20 30.31 1.48 -3.92
N GLU A 21 31.19 2.34 -4.44
CA GLU A 21 30.99 2.99 -5.72
C GLU A 21 31.03 2.03 -6.90
N ALA A 22 31.83 0.99 -6.76
CA ALA A 22 31.95 -0.03 -7.80
C ALA A 22 30.67 -0.88 -7.92
N LEU A 23 29.77 -0.75 -6.96
CA LEU A 23 28.53 -1.52 -6.91
C LEU A 23 27.55 -1.15 -8.00
N PHE A 24 27.70 0.02 -8.59
CA PHE A 24 26.79 0.41 -9.64
C PHE A 24 27.48 1.20 -10.70
N ASP A 25 27.46 0.64 -11.89
CA ASP A 25 28.02 1.31 -13.01
C ASP A 25 26.90 1.96 -13.80
N GLU A 26 26.91 3.28 -13.86
CA GLU A 26 25.83 3.99 -14.52
C GLU A 26 25.96 4.00 -16.04
N HIS A 27 27.07 4.55 -16.57
CA HIS A 27 27.24 4.61 -18.03
C HIS A 27 27.79 3.25 -18.42
N ALA A 28 26.92 2.38 -18.97
CA ALA A 28 27.05 0.90 -18.96
C ALA A 28 26.15 0.46 -17.82
N GLY A 29 25.13 -0.34 -18.10
CA GLY A 29 24.04 -0.48 -17.12
C GLY A 29 24.11 -1.62 -16.11
N ARG A 30 25.16 -1.67 -15.30
CA ARG A 30 25.32 -2.82 -14.37
C ARG A 30 24.90 -2.51 -12.94
N ILE A 31 23.96 -3.30 -12.41
CA ILE A 31 23.66 -3.31 -10.97
C ILE A 31 24.30 -4.56 -10.36
N ASP A 32 25.13 -4.38 -9.33
CA ASP A 32 25.67 -5.51 -8.57
C ASP A 32 24.66 -6.00 -7.55
N PRO A 33 24.15 -7.23 -7.73
CA PRO A 33 23.06 -7.80 -6.93
C PRO A 33 23.25 -7.79 -5.43
N ARG A 34 24.49 -7.70 -4.97
CA ARG A 34 24.73 -7.55 -3.55
C ARG A 34 24.09 -6.35 -2.86
N ILE A 35 23.86 -5.25 -3.58
CA ILE A 35 23.21 -4.10 -3.00
C ILE A 35 21.87 -4.48 -2.40
N TYR A 36 21.27 -5.54 -2.95
CA TYR A 36 19.96 -6.00 -2.50
C TYR A 36 19.97 -6.95 -1.33
N THR A 37 21.15 -7.37 -0.89
CA THR A 37 21.22 -8.50 0.03
C THR A 37 22.11 -8.25 1.20
N ASP A 38 23.07 -7.36 1.02
CA ASP A 38 24.14 -7.24 1.98
C ASP A 38 23.70 -6.55 3.26
N GLU A 39 24.02 -7.19 4.36
CA GLU A 39 23.65 -6.73 5.67
C GLU A 39 24.31 -5.38 6.10
N ASP A 40 25.60 -5.19 5.88
CA ASP A 40 26.21 -3.97 6.40
C ASP A 40 25.84 -2.84 5.47
N LEU A 41 25.74 -3.18 4.20
CA LEU A 41 25.29 -2.23 3.21
C LEU A 41 23.95 -1.67 3.67
N TYR A 42 23.09 -2.58 4.13
CA TYR A 42 21.79 -2.18 4.61
C TYR A 42 21.90 -1.16 5.74
N GLN A 43 22.78 -1.42 6.69
CA GLN A 43 22.89 -0.53 7.80
C GLN A 43 23.34 0.83 7.36
N LEU A 44 24.18 0.88 6.32
CA LEU A 44 24.55 2.17 5.76
C LEU A 44 23.38 2.87 5.10
N GLU A 45 22.57 2.19 4.29
CA GLU A 45 21.38 2.88 3.75
C GLU A 45 20.65 3.57 4.91
N LEU A 46 20.44 2.81 5.98
CA LEU A 46 19.70 3.31 7.12
C LEU A 46 20.24 4.59 7.69
N GLU A 47 21.54 4.78 7.49
CA GLU A 47 22.29 5.86 8.10
C GLU A 47 22.48 6.97 7.10
N ARG A 48 22.58 6.61 5.82
CA ARG A 48 22.99 7.54 4.80
C ARG A 48 21.96 7.75 3.73
N VAL A 49 20.83 7.05 3.83
CA VAL A 49 19.75 7.28 2.89
C VAL A 49 18.53 7.75 3.66
N PHE A 50 18.08 6.91 4.57
CA PHE A 50 16.84 7.17 5.29
C PHE A 50 17.05 8.22 6.36
N ALA A 51 18.16 8.14 7.05
CA ALA A 51 18.36 9.15 8.06
C ALA A 51 18.77 10.51 7.48
N ARG A 52 18.73 10.67 6.15
CA ARG A 52 19.10 11.94 5.52
C ARG A 52 18.22 12.34 4.36
N SER A 53 17.12 11.63 4.13
CA SER A 53 16.27 12.00 3.02
C SER A 53 14.82 12.14 3.46
N TRP A 54 13.97 12.60 2.55
CA TRP A 54 12.63 12.99 2.91
C TRP A 54 11.72 11.82 2.70
N LEU A 55 11.09 11.33 3.78
CA LEU A 55 10.30 10.10 3.72
C LEU A 55 8.79 10.34 3.84
N LEU A 56 7.99 9.44 3.27
CA LEU A 56 6.55 9.66 3.23
C LEU A 56 5.80 9.09 4.43
N LEU A 57 5.25 9.98 5.26
CA LEU A 57 4.57 9.54 6.46
C LEU A 57 3.12 9.33 6.25
N GLY A 58 2.55 9.96 5.24
CA GLY A 58 1.12 9.77 4.95
C GLY A 58 0.52 11.02 4.35
N HIS A 59 -0.77 11.16 4.56
CA HIS A 59 -1.50 12.31 4.05
C HIS A 59 -2.16 13.15 5.16
N GLU A 60 -2.24 14.47 4.96
CA GLU A 60 -2.83 15.40 5.97
C GLU A 60 -4.18 14.95 6.53
N THR A 61 -5.06 14.56 5.60
CA THR A 61 -6.37 14.09 5.88
C THR A 61 -6.43 13.00 6.92
N GLN A 62 -5.36 12.23 7.03
CA GLN A 62 -5.33 11.14 8.02
C GLN A 62 -5.15 11.68 9.46
N ILE A 63 -4.95 12.99 9.61
CA ILE A 63 -4.91 13.63 10.93
C ILE A 63 -5.49 15.06 10.97
N ARG A 64 -6.78 15.22 10.67
CA ARG A 64 -7.43 16.55 10.58
C ARG A 64 -7.35 17.35 11.86
N LYS A 65 -7.99 16.81 12.89
CA LYS A 65 -8.28 17.54 14.13
C LYS A 65 -7.04 17.67 14.98
N PRO A 66 -6.96 18.71 15.83
CA PRO A 66 -5.79 18.71 16.71
C PRO A 66 -5.75 17.46 17.56
N GLY A 67 -4.54 17.03 17.89
CA GLY A 67 -4.31 15.88 18.74
C GLY A 67 -4.47 14.55 18.07
N ASP A 68 -4.88 14.50 16.80
CA ASP A 68 -4.97 13.24 16.07
C ASP A 68 -3.57 12.73 15.78
N TYR A 69 -3.31 11.46 16.06
CA TYR A 69 -2.04 10.86 15.66
C TYR A 69 -2.27 9.66 14.80
N ILE A 70 -1.19 9.22 14.17
CA ILE A 70 -1.07 7.96 13.46
C ILE A 70 0.41 7.64 13.59
N THR A 71 0.72 6.35 13.71
CA THR A 71 2.10 5.85 13.87
C THR A 71 2.57 5.18 12.58
N THR A 72 3.81 5.50 12.19
CA THR A 72 4.37 4.91 11.01
C THR A 72 5.89 4.78 11.18
N TYR A 73 6.62 4.88 10.07
CA TYR A 73 8.03 4.59 10.11
C TYR A 73 8.80 5.56 9.25
N MET A 74 9.92 6.02 9.77
CA MET A 74 10.96 6.51 8.91
C MET A 74 12.10 5.51 9.00
N GLY A 75 12.20 4.68 7.97
CA GLY A 75 13.24 3.69 7.94
C GLY A 75 12.83 2.58 8.89
N GLU A 76 13.63 2.30 9.91
CA GLU A 76 13.15 1.30 10.85
C GLU A 76 12.96 1.92 12.23
N ASP A 77 12.76 3.23 12.22
CA ASP A 77 12.47 3.97 13.41
C ASP A 77 10.97 4.24 13.42
N PRO A 78 10.28 3.80 14.50
CA PRO A 78 8.86 4.12 14.60
C PRO A 78 8.69 5.60 15.00
N VAL A 79 7.81 6.31 14.29
CA VAL A 79 7.60 7.72 14.60
C VAL A 79 6.14 7.95 14.93
N VAL A 80 5.87 8.91 15.79
CA VAL A 80 4.49 9.30 16.02
C VAL A 80 4.29 10.56 15.23
N VAL A 81 3.12 10.67 14.59
CA VAL A 81 2.78 11.79 13.72
C VAL A 81 1.52 12.44 14.24
N VAL A 82 1.66 13.64 14.80
CA VAL A 82 0.58 14.28 15.57
C VAL A 82 0.22 15.71 15.16
N ARG A 83 -1.07 15.97 14.95
CA ARG A 83 -1.61 17.31 14.66
C ARG A 83 -1.61 18.13 15.92
N GLN A 84 -1.02 19.33 15.87
CA GLN A 84 -0.93 20.18 17.08
C GLN A 84 -2.05 21.20 17.17
N LYS A 85 -2.06 21.95 18.28
CA LYS A 85 -3.06 23.02 18.50
C LYS A 85 -3.03 24.12 17.43
N ASP A 86 -1.83 24.49 16.98
CA ASP A 86 -1.63 25.42 15.87
C ASP A 86 -1.67 24.69 14.53
N ALA A 87 -2.31 23.52 14.54
CA ALA A 87 -2.50 22.66 13.36
C ALA A 87 -1.21 22.28 12.62
N SER A 88 -0.05 22.52 13.26
CA SER A 88 1.22 22.00 12.78
C SER A 88 1.31 20.49 12.95
N ILE A 89 2.27 19.87 12.28
CA ILE A 89 2.45 18.42 12.34
C ILE A 89 3.77 18.01 12.97
N ALA A 90 3.70 17.44 14.18
CA ALA A 90 4.91 17.05 14.95
C ALA A 90 5.29 15.61 14.70
N VAL A 91 6.57 15.36 14.42
CA VAL A 91 6.99 14.00 14.17
C VAL A 91 8.16 13.69 15.06
N PHE A 92 7.90 12.88 16.07
CA PHE A 92 8.95 12.49 17.02
C PHE A 92 9.15 10.97 17.11
N LEU A 93 10.39 10.57 17.35
CA LEU A 93 10.76 9.16 17.53
C LEU A 93 9.94 8.45 18.63
N ASN A 94 9.21 7.39 18.26
CA ASN A 94 8.27 6.70 19.17
C ASN A 94 8.99 5.87 20.24
N GLN A 95 9.88 6.51 20.98
CA GLN A 95 10.70 5.81 21.95
C GLN A 95 10.99 6.71 23.18
N CYS A 96 10.50 6.28 24.36
CA CYS A 96 10.79 6.96 25.63
C CYS A 96 12.27 6.94 25.83
N ARG A 97 12.91 8.05 26.20
CA ARG A 97 14.38 8.03 26.33
C ARG A 97 14.94 7.42 27.61
N HIS A 98 14.05 6.93 28.45
CA HIS A 98 14.45 6.39 29.73
C HIS A 98 14.99 4.97 29.60
N ARG A 99 14.14 4.08 29.06
CA ARG A 99 14.54 2.71 28.71
C ARG A 99 14.00 2.27 27.35
N GLY A 100 13.46 3.20 26.59
CA GLY A 100 13.08 2.91 25.22
C GLY A 100 11.80 2.16 25.04
N MET A 101 10.87 2.31 25.97
CA MET A 101 9.52 1.83 25.76
C MET A 101 8.85 2.63 24.65
N ARG A 102 7.87 2.01 23.99
CA ARG A 102 7.04 2.68 23.02
C ARG A 102 6.11 3.67 23.72
N ILE A 103 6.07 4.90 23.21
CA ILE A 103 5.19 5.95 23.74
C ILE A 103 3.79 5.84 23.17
N CYS A 104 3.63 5.86 21.87
CA CYS A 104 2.27 5.77 21.41
C CYS A 104 2.02 4.37 20.98
N ARG A 105 0.89 3.84 21.38
CA ARG A 105 0.74 2.42 21.16
C ARG A 105 -0.30 1.91 20.19
N ALA A 106 -1.25 2.73 19.78
CA ALA A 106 -2.19 2.32 18.74
C ALA A 106 -1.68 2.73 17.37
N ASP A 107 -2.39 2.30 16.34
CA ASP A 107 -2.05 2.64 14.96
C ASP A 107 -2.43 4.07 14.73
N ALA A 108 -3.48 4.51 15.43
CA ALA A 108 -4.13 5.78 15.19
C ALA A 108 -5.09 6.09 16.30
N GLY A 109 -5.43 7.37 16.45
CA GLY A 109 -6.32 7.86 17.48
C GLY A 109 -6.11 9.33 17.75
N ASN A 110 -6.80 9.82 18.79
CA ASN A 110 -6.68 11.20 19.28
C ASN A 110 -6.11 11.25 20.70
N ALA A 111 -5.29 12.25 21.01
CA ALA A 111 -4.61 12.27 22.30
C ALA A 111 -4.47 13.68 22.86
N LYS A 112 -4.82 13.83 24.13
CA LYS A 112 -4.59 15.08 24.84
C LYS A 112 -3.11 15.18 25.16
N ALA A 113 -2.52 14.08 25.59
CA ALA A 113 -1.10 14.00 25.94
C ALA A 113 -0.60 12.58 25.71
N PHE A 114 0.67 12.34 25.99
CA PHE A 114 1.21 11.00 25.85
C PHE A 114 1.93 10.57 27.10
N THR A 115 1.58 9.42 27.67
CA THR A 115 2.35 8.92 28.84
C THR A 115 3.04 7.61 28.53
N CYS A 116 4.30 7.52 28.90
CA CYS A 116 5.02 6.26 28.75
C CYS A 116 4.61 5.24 29.81
N SER A 117 3.84 4.24 29.40
CA SER A 117 3.32 3.17 30.25
C SER A 117 4.30 2.55 31.24
N TYR A 118 5.57 2.38 30.86
CA TYR A 118 6.54 1.72 31.74
C TYR A 118 6.83 2.48 33.03
N HIS A 119 7.24 3.74 32.93
CA HIS A 119 7.61 4.43 34.16
C HIS A 119 7.05 5.81 34.36
N GLY A 120 5.93 6.13 33.74
CA GLY A 120 5.27 7.40 34.04
C GLY A 120 5.63 8.63 33.23
N TRP A 121 6.88 8.74 32.75
CA TRP A 121 7.32 9.90 31.97
C TRP A 121 6.26 10.40 30.98
N ALA A 122 5.83 11.64 31.18
CA ALA A 122 4.70 12.19 30.44
C ALA A 122 5.14 13.23 29.41
N TYR A 123 4.46 13.24 28.28
CA TYR A 123 4.89 13.99 27.12
C TYR A 123 3.69 14.79 26.71
N ASP A 124 3.95 15.85 25.96
CA ASP A 124 2.87 16.59 25.32
C ASP A 124 2.65 16.12 23.91
N THR A 125 1.53 16.55 23.37
CA THR A 125 1.17 16.37 21.98
C THR A 125 2.31 16.38 20.92
N ALA A 126 3.37 17.15 21.11
CA ALA A 126 4.50 17.08 20.18
C ALA A 126 5.75 16.36 20.74
N GLY A 127 5.52 15.41 21.65
CA GLY A 127 6.58 14.58 22.16
C GLY A 127 7.66 15.35 22.89
N ASN A 128 7.24 16.32 23.70
CA ASN A 128 8.18 16.96 24.62
C ASN A 128 7.98 16.38 25.99
N LEU A 129 9.06 15.94 26.59
CA LEU A 129 9.02 15.45 27.93
C LEU A 129 8.70 16.63 28.82
N VAL A 130 7.49 16.63 29.33
CA VAL A 130 7.03 17.72 30.15
C VAL A 130 6.95 17.28 31.61
N ASN A 131 6.68 16.02 31.89
CA ASN A 131 6.66 15.61 33.28
C ASN A 131 7.24 14.24 33.64
N VAL A 132 8.14 14.23 34.61
CA VAL A 132 8.61 13.02 35.27
C VAL A 132 8.02 13.02 36.66
N PRO A 133 7.52 11.85 37.14
CA PRO A 133 7.01 11.85 38.52
C PRO A 133 8.18 12.01 39.51
N TYR A 134 7.99 12.87 40.52
CA TYR A 134 9.01 13.14 41.55
C TYR A 134 10.42 13.38 41.00
N GLU A 135 10.57 14.42 40.20
CA GLU A 135 11.90 14.92 39.91
C GLU A 135 12.33 15.74 41.11
N ALA A 136 11.37 16.03 41.98
CA ALA A 136 11.67 16.41 43.36
C ALA A 136 12.73 15.42 43.91
N GLU A 137 12.25 14.28 44.40
CA GLU A 137 13.08 13.16 44.89
C GLU A 137 14.42 12.90 44.16
N SER A 138 14.39 12.97 42.83
CA SER A 138 15.51 12.48 42.01
C SER A 138 15.71 13.27 40.74
N PHE A 139 16.83 13.02 40.06
CA PHE A 139 17.29 13.88 38.96
C PHE A 139 17.48 15.31 39.54
N ALA A 140 18.64 15.52 40.17
CA ALA A 140 19.05 16.83 40.66
C ALA A 140 19.21 17.71 39.42
N CYS A 141 18.07 18.23 38.98
CA CYS A 141 17.97 18.96 37.72
C CYS A 141 18.14 18.06 36.44
N LEU A 142 17.00 17.67 35.88
CA LEU A 142 16.97 16.86 34.69
C LEU A 142 16.71 17.79 33.51
N ASN A 143 17.45 17.59 32.43
CA ASN A 143 17.15 18.36 31.23
C ASN A 143 16.03 17.83 30.32
N LYS A 144 14.80 18.31 30.57
CA LYS A 144 13.61 17.92 29.80
C LYS A 144 13.74 17.95 28.29
N LYS A 145 14.44 18.95 27.76
CA LYS A 145 14.51 19.13 26.32
C LYS A 145 15.36 18.05 25.75
N GLU A 146 16.52 17.87 26.37
CA GLU A 146 17.54 16.90 25.95
C GLU A 146 16.96 15.51 25.92
N TRP A 147 16.17 15.21 26.94
CA TRP A 147 15.60 13.89 27.17
C TRP A 147 14.23 13.65 26.56
N SER A 148 13.80 14.55 25.68
CA SER A 148 12.63 14.26 24.87
C SER A 148 13.01 13.37 23.69
N PRO A 149 12.04 12.73 23.02
CA PRO A 149 12.51 11.99 21.86
C PRO A 149 13.12 12.88 20.77
N LEU A 150 13.91 12.27 19.89
CA LEU A 150 14.35 12.92 18.67
C LEU A 150 13.19 13.40 17.82
N LYS A 151 13.32 14.61 17.30
CA LYS A 151 12.25 15.23 16.52
C LYS A 151 12.67 15.19 15.08
N ALA A 152 11.71 15.18 14.17
CA ALA A 152 12.06 15.16 12.74
C ALA A 152 11.46 16.36 12.01
N ARG A 153 12.24 16.99 11.15
CA ARG A 153 11.78 18.06 10.29
C ARG A 153 10.58 17.55 9.50
N VAL A 154 9.46 18.24 9.65
CA VAL A 154 8.26 17.92 8.89
C VAL A 154 8.04 18.93 7.75
N GLU A 155 7.56 18.45 6.61
CA GLU A 155 7.19 19.34 5.51
C GLU A 155 6.15 18.70 4.61
N THR A 156 5.30 19.52 4.02
CA THR A 156 4.13 19.03 3.35
C THR A 156 4.08 19.44 1.91
N TYR A 157 3.73 18.49 1.06
CA TYR A 157 3.53 18.84 -0.31
C TYR A 157 2.16 18.54 -0.80
N LYS A 158 1.34 19.58 -0.78
CA LYS A 158 0.00 19.54 -1.34
C LYS A 158 -0.80 18.34 -0.88
N GLY A 159 -0.67 18.05 0.43
CA GLY A 159 -1.34 16.91 1.08
C GLY A 159 -0.40 15.86 1.70
N LEU A 160 0.66 15.54 0.96
CA LEU A 160 1.59 14.51 1.38
C LEU A 160 2.44 15.00 2.52
N ILE A 161 2.50 14.22 3.60
CA ILE A 161 3.30 14.53 4.78
C ILE A 161 4.69 13.93 4.60
N PHE A 162 5.75 14.69 4.87
CA PHE A 162 7.13 14.18 4.70
C PHE A 162 8.05 14.52 5.87
N ALA A 163 9.02 13.68 6.15
CA ALA A 163 9.93 14.02 7.23
C ALA A 163 11.35 13.62 6.92
N ASN A 164 12.28 14.17 7.68
CA ASN A 164 13.70 13.97 7.43
C ASN A 164 14.41 14.31 8.72
N TRP A 165 15.26 13.42 9.21
CA TRP A 165 15.91 13.63 10.49
C TRP A 165 17.00 14.67 10.41
N ASP A 166 17.59 14.87 9.22
CA ASP A 166 18.84 15.61 9.10
C ASP A 166 18.59 17.08 9.17
N GLU A 167 19.04 17.73 10.24
CA GLU A 167 18.82 19.20 10.34
C GLU A 167 19.52 19.97 9.20
N ASN A 168 20.44 19.31 8.50
CA ASN A 168 21.16 19.87 7.36
C ASN A 168 20.62 19.44 6.01
N ALA A 169 19.61 18.61 5.97
CA ALA A 169 19.11 18.19 4.67
C ALA A 169 18.62 19.44 3.99
N VAL A 170 18.72 19.48 2.66
CA VAL A 170 18.05 20.53 1.92
C VAL A 170 16.57 20.49 2.19
N ASP A 171 16.01 21.68 2.28
CA ASP A 171 14.61 21.92 2.06
C ASP A 171 13.89 20.80 1.25
N LEU A 172 12.60 20.58 1.51
CA LEU A 172 11.85 19.58 0.75
C LEU A 172 11.62 19.96 -0.70
N ASP A 173 11.27 21.22 -0.97
CA ASP A 173 11.05 21.68 -2.36
C ASP A 173 12.31 21.54 -3.20
N THR A 174 13.44 22.00 -2.66
CA THR A 174 14.72 21.80 -3.32
C THR A 174 14.92 20.33 -3.65
N TYR A 175 14.99 19.47 -2.62
CA TYR A 175 15.06 17.99 -2.75
C TYR A 175 14.20 17.47 -3.92
N LEU A 176 12.90 17.70 -3.83
CA LEU A 176 11.99 17.37 -4.90
C LEU A 176 12.41 17.89 -6.27
N GLY A 177 12.99 19.09 -6.29
CA GLY A 177 13.29 19.76 -7.56
C GLY A 177 12.11 19.79 -8.51
N GLU A 178 12.41 19.68 -9.80
CA GLU A 178 11.36 19.75 -10.82
C GLU A 178 10.44 18.52 -10.80
N ALA A 179 10.47 17.77 -9.70
CA ALA A 179 9.63 16.58 -9.60
C ALA A 179 8.24 16.98 -9.24
N LYS A 180 8.14 18.13 -8.55
CA LYS A 180 6.88 18.73 -8.11
C LYS A 180 5.89 18.72 -9.27
N PHE A 181 6.40 19.07 -10.45
CA PHE A 181 5.68 19.06 -11.73
C PHE A 181 4.84 17.80 -11.93
N TYR A 182 5.45 16.64 -11.74
CA TYR A 182 4.76 15.39 -12.08
C TYR A 182 3.87 14.96 -10.95
N MET A 183 4.16 15.43 -9.75
CA MET A 183 3.32 15.13 -8.59
C MET A 183 2.04 15.93 -8.69
N ASP A 184 2.16 17.12 -9.29
CA ASP A 184 1.03 17.97 -9.54
C ASP A 184 -0.01 17.27 -10.41
N HIS A 185 0.39 16.26 -11.17
CA HIS A 185 -0.56 15.53 -11.97
C HIS A 185 -1.67 14.84 -11.15
N MET A 186 -1.35 14.48 -9.91
CA MET A 186 -2.33 13.86 -9.01
C MET A 186 -2.84 14.78 -7.91
N LEU A 187 -1.95 15.62 -7.40
CA LEU A 187 -2.16 16.39 -6.18
C LEU A 187 -2.77 17.81 -6.30
N ASP A 188 -2.63 18.44 -7.47
CA ASP A 188 -3.01 19.85 -7.65
C ASP A 188 -3.91 20.06 -8.84
N ARG A 189 -4.79 19.11 -9.11
CA ARG A 189 -5.63 19.24 -10.27
C ARG A 189 -7.03 19.81 -9.96
N THR A 190 -7.10 20.49 -8.82
CA THR A 190 -8.33 21.11 -8.36
C THR A 190 -7.99 22.11 -7.29
N GLU A 191 -8.78 23.18 -7.29
CA GLU A 191 -8.58 24.30 -6.40
C GLU A 191 -8.48 23.77 -4.96
N ALA A 192 -9.30 22.77 -4.67
CA ALA A 192 -9.60 22.31 -3.30
C ALA A 192 -8.66 21.24 -2.75
N GLY A 193 -7.58 20.96 -3.49
CA GLY A 193 -6.62 19.95 -3.07
C GLY A 193 -7.24 18.57 -3.07
N THR A 194 -6.70 17.73 -2.21
CA THR A 194 -6.93 16.31 -2.32
C THR A 194 -7.02 15.74 -0.93
N GLU A 195 -7.97 14.85 -0.69
CA GLU A 195 -8.12 14.19 0.59
C GLU A 195 -7.79 12.72 0.43
N ALA A 196 -7.20 12.12 1.45
CA ALA A 196 -6.88 10.70 1.42
C ALA A 196 -8.04 9.89 1.97
N ILE A 197 -8.62 8.99 1.16
CA ILE A 197 -9.67 8.06 1.62
C ILE A 197 -9.13 7.29 2.80
N PRO A 198 -9.92 7.22 3.89
CA PRO A 198 -9.32 6.70 5.11
C PRO A 198 -9.05 5.20 5.09
N GLY A 199 -7.98 4.83 5.80
CA GLY A 199 -7.59 3.42 5.90
C GLY A 199 -6.38 3.12 5.04
N VAL A 200 -5.40 2.47 5.66
CA VAL A 200 -4.11 2.23 5.03
C VAL A 200 -3.85 0.73 5.01
N GLN A 201 -3.79 0.13 3.83
CA GLN A 201 -3.52 -1.29 3.75
C GLN A 201 -2.04 -1.51 3.99
N LYS A 202 -1.71 -2.59 4.72
CA LYS A 202 -0.32 -2.97 5.02
C LYS A 202 -0.05 -4.47 4.76
N TRP A 203 0.99 -4.79 4.00
CA TRP A 203 1.41 -6.21 3.89
C TRP A 203 2.90 -6.39 3.86
N VAL A 204 3.33 -7.63 4.01
CA VAL A 204 4.77 -7.92 4.07
C VAL A 204 5.22 -8.72 2.85
N ILE A 205 6.40 -8.40 2.35
CA ILE A 205 6.79 -8.83 1.03
C ILE A 205 8.30 -9.01 1.16
N PRO A 206 8.74 -10.27 1.40
CA PRO A 206 10.17 -10.52 1.70
C PRO A 206 11.06 -10.36 0.47
N CYS A 207 11.54 -9.12 0.28
CA CYS A 207 12.36 -8.70 -0.85
C CYS A 207 12.96 -7.32 -0.57
N ASN A 208 14.06 -6.96 -1.21
CA ASN A 208 14.70 -5.69 -0.89
C ASN A 208 13.84 -4.48 -1.29
N TRP A 209 13.88 -3.45 -0.45
CA TRP A 209 13.06 -2.27 -0.70
C TRP A 209 13.31 -1.63 -2.04
N LYS A 210 14.56 -1.61 -2.49
CA LYS A 210 14.90 -1.10 -3.81
C LYS A 210 14.16 -1.83 -4.94
N PHE A 211 14.02 -3.14 -4.88
CA PHE A 211 13.23 -3.83 -5.91
C PHE A 211 11.88 -3.19 -6.00
N ALA A 212 11.22 -2.95 -4.87
CA ALA A 212 9.84 -2.42 -4.92
C ALA A 212 9.90 -1.07 -5.55
N ALA A 213 10.75 -0.22 -5.00
CA ALA A 213 10.81 1.14 -5.43
C ALA A 213 11.14 1.33 -6.94
N GLU A 214 11.75 0.34 -7.59
CA GLU A 214 12.52 0.66 -8.80
C GLU A 214 11.91 0.78 -10.20
N GLN A 215 11.21 -0.21 -10.80
CA GLN A 215 10.10 -1.01 -10.29
C GLN A 215 9.09 -0.01 -9.69
N PHE A 216 7.96 -0.45 -9.13
CA PHE A 216 7.31 -1.70 -9.40
C PHE A 216 6.79 -1.65 -10.82
N CYS A 217 6.10 -2.73 -11.25
CA CYS A 217 5.28 -2.72 -12.51
C CYS A 217 5.93 -1.86 -13.65
N SER A 218 7.06 -2.34 -14.15
CA SER A 218 7.97 -1.47 -14.88
C SER A 218 7.89 -1.59 -16.42
N ASP A 219 7.14 -2.58 -16.92
CA ASP A 219 6.70 -2.58 -18.34
C ASP A 219 5.92 -1.27 -18.56
N MET A 220 6.67 -0.18 -18.70
CA MET A 220 6.23 1.13 -18.19
C MET A 220 4.79 1.54 -18.50
N THR A 226 6.12 -9.02 -22.15
CA THR A 226 5.41 -7.88 -21.58
C THR A 226 3.97 -8.25 -21.04
N SER A 227 3.90 -9.03 -19.95
CA SER A 227 2.58 -9.43 -19.36
C SER A 227 2.16 -8.65 -18.06
N HIS A 228 1.59 -9.32 -17.04
CA HIS A 228 0.58 -8.68 -16.13
C HIS A 228 -0.78 -8.77 -16.84
N LEU A 229 -0.91 -9.75 -17.74
CA LEU A 229 -2.01 -9.77 -18.72
C LEU A 229 -3.37 -10.01 -18.12
N SER A 230 -3.50 -11.11 -17.38
CA SER A 230 -4.77 -11.50 -16.80
C SER A 230 -5.41 -10.36 -16.00
N GLY A 231 -4.58 -9.56 -15.31
CA GLY A 231 -5.05 -8.38 -14.58
C GLY A 231 -5.88 -7.45 -15.45
N ILE A 232 -5.31 -7.11 -16.61
CA ILE A 232 -6.01 -6.35 -17.66
C ILE A 232 -7.31 -7.04 -18.07
N LEU A 233 -7.25 -8.30 -18.47
CA LEU A 233 -8.43 -8.98 -18.97
C LEU A 233 -9.55 -9.05 -17.93
N ALA A 234 -9.25 -8.67 -16.69
CA ALA A 234 -10.26 -8.65 -15.64
C ALA A 234 -11.28 -7.54 -15.86
N GLY A 235 -10.80 -6.36 -16.22
CA GLY A 235 -11.65 -5.18 -16.39
C GLY A 235 -12.31 -4.93 -17.74
N LEU A 236 -12.21 -5.89 -18.67
CA LEU A 236 -12.93 -5.81 -19.95
C LEU A 236 -13.94 -6.93 -19.98
N PRO A 237 -15.20 -6.63 -20.36
CA PRO A 237 -16.27 -7.65 -20.19
C PRO A 237 -16.48 -8.67 -21.37
N GLU A 238 -15.51 -8.76 -22.30
CA GLU A 238 -15.49 -9.82 -23.33
C GLU A 238 -16.03 -11.16 -22.78
N PRO A 248 0.97 -1.15 -29.58
CA PRO A 248 2.29 -0.60 -29.13
C PRO A 248 2.29 0.96 -28.90
N THR A 249 2.11 1.39 -27.65
CA THR A 249 1.60 2.77 -27.34
C THR A 249 2.64 3.91 -27.26
N VAL A 250 2.22 5.15 -27.55
CA VAL A 250 3.06 6.38 -27.42
C VAL A 250 3.12 6.90 -25.99
N GLY A 251 4.29 7.37 -25.56
CA GLY A 251 4.43 8.06 -24.26
C GLY A 251 5.84 8.50 -23.92
N LYS A 252 6.00 9.13 -22.76
CA LYS A 252 7.35 9.55 -22.31
C LYS A 252 7.71 9.22 -20.83
N GLN A 253 9.00 9.38 -20.49
CA GLN A 253 9.51 9.09 -19.15
C GLN A 253 10.51 10.15 -18.67
N TYR A 254 10.40 10.52 -17.40
CA TYR A 254 11.16 11.62 -16.86
C TYR A 254 12.15 11.11 -15.83
N ARG A 255 13.41 11.56 -15.91
CA ARG A 255 14.43 11.28 -14.89
C ARG A 255 14.89 12.58 -14.24
N ALA A 256 14.86 12.61 -12.92
CA ALA A 256 15.21 13.80 -12.18
C ALA A 256 16.66 14.22 -12.35
N SER A 257 16.88 15.53 -12.36
CA SER A 257 18.22 16.12 -12.44
C SER A 257 19.06 15.76 -11.22
N TRP A 258 18.47 16.01 -10.04
CA TRP A 258 19.21 15.84 -8.81
C TRP A 258 18.93 14.51 -8.11
N GLY A 259 17.75 14.37 -7.51
CA GLY A 259 17.62 13.47 -6.36
C GLY A 259 17.08 12.08 -6.58
N GLY A 260 17.26 11.54 -7.78
CA GLY A 260 16.88 10.17 -8.08
C GLY A 260 15.40 9.86 -8.21
N HIS A 261 14.56 10.88 -8.32
CA HIS A 261 13.15 10.64 -8.63
C HIS A 261 12.95 10.20 -10.10
N GLY A 262 11.69 10.03 -10.52
CA GLY A 262 11.36 9.66 -11.90
C GLY A 262 9.93 9.20 -12.16
N SER A 263 9.39 9.49 -13.34
CA SER A 263 7.99 9.21 -13.67
C SER A 263 7.82 8.69 -15.07
N GLY A 264 6.79 7.87 -15.30
CA GLY A 264 6.51 7.36 -16.64
C GLY A 264 5.03 7.22 -17.00
N PHE A 265 4.64 7.79 -18.13
CA PHE A 265 3.22 7.88 -18.49
C PHE A 265 2.91 7.66 -19.96
N TYR A 266 1.62 7.74 -20.31
CA TYR A 266 1.15 7.52 -21.69
C TYR A 266 0.60 8.76 -22.42
N VAL A 267 -0.29 8.59 -23.39
CA VAL A 267 -1.01 9.73 -24.04
C VAL A 267 -2.17 9.27 -24.93
N GLY A 268 -3.41 9.43 -24.46
CA GLY A 268 -4.65 8.97 -25.16
C GLY A 268 -4.87 7.47 -25.18
N ASP A 269 -6.08 6.99 -24.80
CA ASP A 269 -6.61 5.61 -25.11
C ASP A 269 -7.33 4.79 -23.98
N PRO A 270 -7.62 3.46 -24.24
CA PRO A 270 -8.06 2.50 -23.20
C PRO A 270 -7.09 2.45 -22.02
N ASN A 271 -6.56 1.27 -21.71
CA ASN A 271 -5.71 1.01 -20.52
C ASN A 271 -6.12 1.62 -19.18
N LEU A 272 -6.01 2.95 -19.03
CA LEU A 272 -6.68 3.63 -17.90
C LEU A 272 -8.17 3.24 -17.96
N MET A 273 -8.90 3.67 -19.01
CA MET A 273 -10.39 3.49 -19.12
C MET A 273 -10.72 2.04 -18.90
N LEU A 274 -11.01 1.36 -20.01
CA LEU A 274 -11.06 -0.08 -19.94
C LEU A 274 -9.84 -0.47 -19.03
N ALA A 275 -10.02 -1.51 -18.23
CA ALA A 275 -8.92 -2.29 -17.70
C ALA A 275 -8.66 -1.97 -16.26
N ILE A 276 -8.16 -0.78 -15.99
CA ILE A 276 -7.68 -0.51 -14.66
C ILE A 276 -8.77 0.15 -13.85
N MET A 277 -9.18 1.35 -14.25
CA MET A 277 -10.11 2.12 -13.44
C MET A 277 -11.55 2.08 -13.93
N GLY A 278 -11.75 1.67 -15.18
CA GLY A 278 -13.10 1.62 -15.74
C GLY A 278 -13.65 2.97 -16.22
N PRO A 279 -14.74 2.92 -17.02
CA PRO A 279 -15.59 3.98 -17.57
C PRO A 279 -15.60 5.32 -16.83
N LYS A 280 -16.11 5.31 -15.60
CA LYS A 280 -16.43 6.54 -14.90
C LYS A 280 -15.19 7.31 -14.52
N VAL A 281 -14.21 6.59 -14.03
CA VAL A 281 -13.02 7.22 -13.46
C VAL A 281 -12.14 7.80 -14.56
N THR A 282 -12.52 7.52 -15.80
CA THR A 282 -11.73 7.98 -16.93
C THR A 282 -12.45 9.11 -17.64
N SER A 283 -13.77 9.00 -17.76
CA SER A 283 -14.57 10.16 -18.11
C SER A 283 -14.11 11.26 -17.21
N TYR A 284 -14.09 11.00 -15.90
CA TYR A 284 -13.74 12.04 -14.94
C TYR A 284 -12.32 12.56 -15.20
N TRP A 285 -11.43 11.66 -15.57
CA TRP A 285 -10.03 12.00 -15.63
C TRP A 285 -9.73 12.77 -16.89
N THR A 286 -10.45 12.45 -17.97
CA THR A 286 -10.07 12.89 -19.32
C THR A 286 -11.02 13.94 -19.97
N GLU A 287 -12.31 13.85 -19.70
CA GLU A 287 -13.29 14.73 -20.35
C GLU A 287 -14.19 15.38 -19.29
N GLY A 288 -15.16 16.17 -19.72
CA GLY A 288 -16.07 16.82 -18.78
C GLY A 288 -15.42 17.93 -17.94
N PRO A 289 -16.23 18.64 -17.14
CA PRO A 289 -15.76 19.84 -16.46
C PRO A 289 -14.53 19.59 -15.63
N ALA A 290 -14.60 18.67 -14.67
CA ALA A 290 -13.55 18.47 -13.66
C ALA A 290 -12.12 18.29 -14.22
N SER A 291 -12.06 17.81 -15.46
CA SER A 291 -10.84 17.45 -16.13
C SER A 291 -10.31 18.54 -17.00
N GLU A 292 -11.22 19.24 -17.67
CA GLU A 292 -10.88 20.33 -18.57
C GLU A 292 -10.39 21.45 -17.72
N LYS A 293 -11.36 22.27 -17.33
CA LYS A 293 -11.27 23.16 -16.18
C LYS A 293 -10.76 22.31 -14.99
N ALA A 294 -10.72 22.92 -13.81
CA ALA A 294 -9.84 22.48 -12.74
C ALA A 294 -8.49 22.08 -13.39
N ALA A 295 -8.36 20.85 -13.93
CA ALA A 295 -7.12 20.33 -14.56
C ALA A 295 -6.31 21.32 -15.39
N GLU A 296 -6.93 22.44 -15.79
CA GLU A 296 -6.18 23.53 -16.47
C GLU A 296 -5.52 24.57 -15.60
N ARG A 297 -5.32 24.20 -14.34
CA ARG A 297 -4.40 24.85 -13.44
C ARG A 297 -3.00 24.41 -13.88
N LEU A 298 -2.93 23.21 -14.46
CA LEU A 298 -1.66 22.70 -15.01
C LEU A 298 -1.21 23.44 -16.28
N GLY A 299 -2.09 24.28 -16.83
CA GLY A 299 -1.74 25.11 -17.97
C GLY A 299 -1.37 24.35 -19.24
N SER A 300 -2.06 23.23 -19.46
CA SER A 300 -1.73 22.34 -20.56
C SER A 300 -2.83 21.31 -20.74
N VAL A 301 -3.50 21.32 -21.88
CA VAL A 301 -4.31 20.17 -22.29
C VAL A 301 -3.31 18.99 -22.28
N GLU A 302 -3.78 17.76 -22.39
CA GLU A 302 -2.85 16.60 -22.41
C GLU A 302 -2.15 16.37 -21.06
N ARG A 303 -1.38 17.36 -20.59
CA ARG A 303 -0.88 17.36 -19.21
C ARG A 303 -2.02 17.17 -18.20
N GLY A 304 -3.25 17.49 -18.59
CA GLY A 304 -4.40 17.37 -17.71
C GLY A 304 -5.38 16.26 -18.07
N SER A 305 -5.56 16.01 -19.37
CA SER A 305 -6.67 15.16 -19.84
C SER A 305 -6.34 14.09 -20.89
N LYS A 306 -5.23 14.25 -21.58
CA LYS A 306 -4.75 13.21 -22.46
C LYS A 306 -3.60 12.47 -21.77
N LEU A 307 -3.72 12.29 -20.44
CA LEU A 307 -2.66 11.66 -19.62
C LEU A 307 -2.59 10.15 -19.51
N MET A 308 -3.69 9.49 -19.13
CA MET A 308 -3.73 8.01 -18.91
C MET A 308 -2.87 7.56 -17.70
N VAL A 309 -2.40 6.31 -17.66
CA VAL A 309 -1.70 5.82 -16.44
C VAL A 309 -0.36 6.49 -16.26
N GLU A 310 0.12 6.58 -15.02
CA GLU A 310 1.41 7.20 -14.75
C GLU A 310 2.14 6.56 -13.56
N HIS A 311 3.45 6.28 -13.71
CA HIS A 311 4.29 5.72 -12.63
C HIS A 311 4.67 6.78 -11.56
N MET A 312 5.86 7.38 -11.55
CA MET A 312 6.27 8.31 -10.44
C MET A 312 6.83 7.66 -9.17
N THR A 313 8.04 8.07 -8.81
CA THR A 313 8.75 7.51 -7.67
C THR A 313 9.53 8.65 -7.07
N VAL A 314 9.27 8.98 -5.81
CA VAL A 314 10.03 10.01 -5.15
C VAL A 314 10.99 9.36 -4.17
N PHE A 315 12.26 9.43 -4.52
CA PHE A 315 13.32 8.81 -3.74
C PHE A 315 13.19 9.09 -2.24
N PRO A 316 13.47 8.09 -1.43
CA PRO A 316 13.81 6.74 -1.80
C PRO A 316 12.64 5.80 -1.80
N THR A 317 11.62 6.08 -0.99
CA THR A 317 10.58 5.08 -0.80
C THR A 317 9.18 5.51 -0.99
N CYS A 318 8.96 6.61 -1.71
CA CYS A 318 7.64 7.12 -1.98
C CYS A 318 7.11 6.84 -3.38
N SER A 319 5.97 6.18 -3.49
CA SER A 319 5.47 5.78 -4.82
C SER A 319 3.98 5.92 -4.94
N PHE A 320 3.54 6.47 -6.08
CA PHE A 320 2.12 6.67 -6.36
C PHE A 320 1.80 6.66 -7.85
N LEU A 321 0.55 6.41 -8.20
CA LEU A 321 0.15 6.24 -9.61
C LEU A 321 -1.00 7.18 -10.07
N PRO A 322 -0.65 8.44 -10.38
CA PRO A 322 -1.65 9.42 -10.72
C PRO A 322 -2.54 8.90 -11.84
N GLY A 323 -3.85 8.97 -11.65
CA GLY A 323 -4.79 8.34 -12.56
C GLY A 323 -5.45 7.16 -11.91
N ILE A 324 -4.63 6.35 -11.22
CA ILE A 324 -5.14 5.26 -10.36
C ILE A 324 -5.27 5.80 -8.94
N ASN A 325 -4.18 6.36 -8.44
CA ASN A 325 -4.19 7.11 -7.19
C ASN A 325 -3.98 6.28 -5.89
N THR A 326 -3.31 5.13 -5.97
CA THR A 326 -2.68 4.55 -4.76
C THR A 326 -1.43 5.30 -4.51
N VAL A 327 -1.18 5.56 -3.24
CA VAL A 327 0.11 6.05 -2.82
C VAL A 327 0.67 4.95 -1.90
N ARG A 328 1.99 4.75 -1.92
CA ARG A 328 2.62 3.83 -0.94
C ARG A 328 3.85 4.43 -0.37
N THR A 329 4.11 4.12 0.89
CA THR A 329 5.48 4.11 1.35
C THR A 329 5.91 2.66 1.24
N TRP A 330 7.19 2.42 0.96
CA TRP A 330 7.78 1.08 1.16
C TRP A 330 8.59 1.18 2.45
N HIS A 331 8.33 0.31 3.41
CA HIS A 331 9.14 0.34 4.61
C HIS A 331 10.14 -0.82 4.63
N PRO A 332 11.45 -0.52 4.83
CA PRO A 332 12.52 -1.51 4.88
C PRO A 332 12.53 -2.28 6.18
N ARG A 333 12.81 -3.57 6.04
CA ARG A 333 12.92 -4.49 7.14
C ARG A 333 14.32 -5.13 7.06
N GLY A 334 14.43 -6.36 6.59
CA GLY A 334 15.77 -6.81 6.21
C GLY A 334 16.38 -5.89 5.13
N PRO A 335 17.59 -6.22 4.69
CA PRO A 335 17.77 -5.99 3.27
C PRO A 335 16.86 -6.96 2.51
N ASN A 336 16.07 -7.77 3.22
CA ASN A 336 15.43 -8.94 2.63
C ASN A 336 13.94 -8.96 2.72
N GLU A 337 13.39 -7.88 3.24
CA GLU A 337 11.97 -7.82 3.45
C GLU A 337 11.60 -6.36 3.34
N VAL A 338 10.37 -6.10 2.92
CA VAL A 338 9.81 -4.75 2.94
C VAL A 338 8.32 -4.82 3.32
N GLU A 339 7.82 -3.78 3.97
CA GLU A 339 6.36 -3.66 4.19
C GLU A 339 5.77 -2.65 3.23
N VAL A 340 4.53 -2.86 2.79
CA VAL A 340 3.91 -1.92 1.85
C VAL A 340 2.75 -1.21 2.49
N TRP A 341 2.90 0.07 2.77
CA TRP A 341 1.80 0.88 3.32
C TRP A 341 1.24 1.73 2.22
N ALA A 342 -0.03 1.47 1.90
CA ALA A 342 -0.66 2.09 0.75
C ALA A 342 -2.02 2.58 1.13
N PHE A 343 -2.34 3.80 0.70
CA PHE A 343 -3.72 4.27 0.76
C PHE A 343 -4.11 4.79 -0.60
N THR A 344 -5.26 5.44 -0.65
CA THR A 344 -5.75 6.07 -1.89
C THR A 344 -6.18 7.52 -1.67
N VAL A 345 -5.88 8.37 -2.65
CA VAL A 345 -6.24 9.79 -2.62
C VAL A 345 -7.20 10.19 -3.75
N VAL A 346 -8.17 11.01 -3.40
CA VAL A 346 -9.13 11.52 -4.38
C VAL A 346 -9.14 13.06 -4.31
N ASP A 347 -9.56 13.70 -5.39
CA ASP A 347 -9.74 15.13 -5.36
C ASP A 347 -10.85 15.38 -4.36
N ALA A 348 -10.62 16.35 -3.48
CA ALA A 348 -11.47 16.54 -2.30
C ALA A 348 -12.88 16.99 -2.61
N ASP A 349 -13.08 17.50 -3.84
CA ASP A 349 -14.39 17.96 -4.31
C ASP A 349 -15.03 17.02 -5.35
N ALA A 350 -14.35 15.95 -5.70
CA ALA A 350 -14.87 15.00 -6.68
C ALA A 350 -16.28 14.51 -6.32
N PRO A 351 -17.11 14.18 -7.32
CA PRO A 351 -18.45 13.76 -6.92
C PRO A 351 -18.41 12.50 -6.05
N ASP A 352 -19.25 12.47 -5.02
CA ASP A 352 -19.52 11.26 -4.27
C ASP A 352 -19.16 10.03 -5.05
N ASP A 353 -20.02 9.60 -5.97
CA ASP A 353 -19.81 8.28 -6.60
C ASP A 353 -18.49 8.15 -7.39
N ILE A 354 -17.91 9.28 -7.77
CA ILE A 354 -16.61 9.23 -8.42
C ILE A 354 -15.54 8.90 -7.37
N LYS A 355 -15.65 9.50 -6.19
CA LYS A 355 -14.78 9.15 -5.07
C LYS A 355 -14.95 7.66 -4.81
N GLU A 356 -16.20 7.22 -4.77
CA GLU A 356 -16.50 5.82 -4.52
C GLU A 356 -15.80 4.91 -5.51
N GLU A 357 -15.80 5.27 -6.79
CA GLU A 357 -15.14 4.45 -7.80
C GLU A 357 -13.68 4.30 -7.51
N PHE A 358 -13.00 5.43 -7.39
CA PHE A 358 -11.63 5.41 -6.92
C PHE A 358 -11.41 4.41 -5.78
N ARG A 359 -12.32 4.37 -4.81
CA ARG A 359 -12.17 3.46 -3.69
C ARG A 359 -12.23 2.02 -4.17
N ARG A 360 -13.30 1.61 -4.83
CA ARG A 360 -13.43 0.23 -5.25
C ARG A 360 -12.32 -0.14 -6.24
N GLN A 361 -12.11 0.67 -7.25
CA GLN A 361 -11.25 0.24 -8.33
C GLN A 361 -9.81 0.10 -7.89
N THR A 362 -9.32 1.11 -7.19
CA THR A 362 -8.03 1.04 -6.53
C THR A 362 -7.85 -0.33 -5.82
N LEU A 363 -8.67 -0.64 -4.84
CA LEU A 363 -8.50 -1.88 -4.08
C LEU A 363 -8.65 -3.13 -4.95
N ARG A 364 -9.39 -3.01 -6.03
CA ARG A 364 -9.62 -4.15 -6.88
C ARG A 364 -8.34 -4.46 -7.64
N THR A 365 -7.50 -3.45 -7.84
CA THR A 365 -6.36 -3.63 -8.72
C THR A 365 -5.03 -3.53 -8.03
N PHE A 366 -4.83 -2.49 -7.25
CA PHE A 366 -3.53 -2.23 -6.65
C PHE A 366 -3.41 -2.42 -5.15
N SER A 367 -4.28 -3.25 -4.59
CA SER A 367 -4.18 -3.63 -3.19
C SER A 367 -3.33 -4.89 -3.13
N ALA A 368 -3.15 -5.44 -1.93
CA ALA A 368 -2.58 -6.78 -1.77
C ALA A 368 -3.48 -7.82 -2.38
N GLY A 369 -4.78 -7.58 -2.35
CA GLY A 369 -5.67 -8.47 -3.05
C GLY A 369 -5.80 -8.16 -4.52
N GLY A 370 -5.25 -7.03 -4.96
CA GLY A 370 -5.50 -6.53 -6.30
C GLY A 370 -5.13 -7.40 -7.49
N VAL A 371 -5.91 -7.30 -8.56
CA VAL A 371 -5.71 -8.12 -9.76
C VAL A 371 -4.45 -7.78 -10.51
N PHE A 372 -3.86 -6.64 -10.19
CA PHE A 372 -2.52 -6.37 -10.67
C PHE A 372 -1.46 -6.68 -9.63
N GLU A 373 -1.49 -5.91 -8.53
CA GLU A 373 -0.43 -5.88 -7.55
C GLU A 373 -0.25 -7.22 -6.80
N GLN A 374 -1.21 -8.14 -6.88
CA GLN A 374 -1.03 -9.47 -6.26
C GLN A 374 0.08 -10.26 -6.93
N ASP A 375 0.42 -9.87 -8.16
CA ASP A 375 1.47 -10.54 -8.92
C ASP A 375 2.86 -9.90 -8.73
N ASP A 376 2.93 -8.57 -8.71
CA ASP A 376 4.17 -7.84 -8.45
C ASP A 376 4.88 -8.40 -7.20
N GLY A 377 4.07 -8.83 -6.25
CA GLY A 377 4.53 -9.36 -4.97
C GLY A 377 5.14 -10.74 -5.10
N GLU A 378 4.34 -11.69 -5.58
CA GLU A 378 4.82 -13.03 -5.96
C GLU A 378 6.21 -12.97 -6.60
N ASN A 379 6.44 -11.98 -7.46
CA ASN A 379 7.67 -11.86 -8.19
C ASN A 379 8.85 -11.59 -7.33
N TRP A 380 8.92 -10.36 -6.85
CA TRP A 380 10.02 -9.93 -6.00
C TRP A 380 10.43 -10.94 -4.92
N VAL A 381 9.47 -11.69 -4.40
CA VAL A 381 9.79 -12.69 -3.41
C VAL A 381 10.77 -13.71 -3.99
N GLU A 382 10.48 -14.22 -5.19
CA GLU A 382 11.41 -15.10 -5.89
C GLU A 382 12.73 -14.41 -6.14
N ILE A 383 12.69 -13.20 -6.71
CA ILE A 383 13.94 -12.48 -6.90
C ILE A 383 14.83 -12.54 -5.66
N GLN A 384 14.30 -12.24 -4.47
CA GLN A 384 15.13 -12.21 -3.26
C GLN A 384 15.58 -13.56 -2.90
N HIS A 385 14.67 -14.52 -2.92
CA HIS A 385 14.96 -15.91 -2.58
C HIS A 385 16.16 -16.42 -3.35
N ILE A 386 16.19 -16.16 -4.66
CA ILE A 386 17.27 -16.66 -5.48
C ILE A 386 18.58 -16.16 -4.94
N LEU A 387 18.67 -14.88 -4.63
CA LEU A 387 19.94 -14.30 -4.20
C LEU A 387 20.49 -14.87 -2.90
N ARG A 388 19.86 -15.91 -2.39
CA ARG A 388 20.44 -16.65 -1.27
C ARG A 388 21.69 -17.39 -1.81
N GLY A 389 21.84 -17.43 -3.13
CA GLY A 389 22.86 -18.27 -3.76
C GLY A 389 24.15 -17.58 -4.16
N HIS A 390 25.26 -18.33 -4.13
CA HIS A 390 26.57 -17.74 -4.35
C HIS A 390 26.69 -17.19 -5.76
N LYS A 391 26.20 -17.98 -6.71
CA LYS A 391 26.38 -17.68 -8.12
C LYS A 391 25.38 -16.63 -8.58
N ALA A 392 24.21 -16.67 -7.96
CA ALA A 392 23.18 -15.67 -8.22
C ALA A 392 23.66 -14.31 -7.77
N ARG A 393 24.73 -14.23 -7.01
CA ARG A 393 25.08 -12.95 -6.44
C ARG A 393 26.36 -12.43 -7.03
N SER A 394 26.87 -13.11 -8.04
CA SER A 394 28.25 -12.90 -8.48
C SER A 394 28.45 -12.22 -9.87
N ARG A 395 27.40 -12.15 -10.66
CA ARG A 395 27.44 -11.38 -11.89
C ARG A 395 26.34 -10.28 -11.83
N PRO A 396 26.61 -9.08 -12.41
CA PRO A 396 25.63 -7.98 -12.39
C PRO A 396 24.32 -8.20 -13.14
N PHE A 397 23.34 -7.35 -12.83
CA PHE A 397 22.08 -7.35 -13.54
C PHE A 397 22.17 -6.29 -14.61
N ASN A 398 21.40 -6.53 -15.68
CA ASN A 398 21.37 -5.62 -16.79
C ASN A 398 20.36 -4.52 -16.60
N ALA A 399 20.88 -3.31 -16.59
CA ALA A 399 20.04 -2.13 -16.65
C ALA A 399 20.53 -1.15 -17.73
N GLU A 400 20.70 -1.63 -18.96
CA GLU A 400 21.18 -0.74 -20.03
C GLU A 400 20.07 -0.36 -21.01
N MET A 401 18.84 -0.73 -20.68
CA MET A 401 17.70 -0.49 -21.58
C MET A 401 17.63 0.98 -22.01
N SER A 402 17.59 1.20 -23.33
CA SER A 402 17.32 2.51 -23.95
C SER A 402 18.21 3.66 -23.55
N MET A 403 19.52 3.43 -23.60
CA MET A 403 20.47 4.46 -23.18
C MET A 403 20.52 5.66 -24.15
N ASP A 404 20.94 6.81 -23.60
CA ASP A 404 21.13 8.10 -24.31
C ASP A 404 20.01 8.45 -25.28
N GLN A 405 18.79 8.43 -24.77
CA GLN A 405 17.60 8.76 -25.54
C GLN A 405 16.86 9.92 -24.86
N THR A 406 17.60 10.69 -24.08
CA THR A 406 17.07 11.88 -23.43
C THR A 406 17.63 13.18 -24.00
N VAL A 407 16.73 14.08 -24.38
CA VAL A 407 17.02 15.51 -24.43
C VAL A 407 16.60 16.09 -23.07
N ASP A 408 17.18 17.22 -22.68
CA ASP A 408 16.88 17.78 -21.35
C ASP A 408 16.32 19.20 -21.42
N ASN A 409 15.34 19.39 -22.30
CA ASN A 409 14.77 20.70 -22.54
C ASN A 409 13.31 20.70 -23.02
N ASP A 410 12.70 19.52 -23.17
CA ASP A 410 11.35 19.35 -23.78
C ASP A 410 10.52 20.65 -23.76
N PRO A 411 9.84 21.00 -24.87
CA PRO A 411 8.93 22.15 -24.83
C PRO A 411 8.12 22.25 -23.50
N VAL A 412 7.45 21.15 -23.14
CA VAL A 412 6.52 21.05 -22.00
C VAL A 412 7.14 20.57 -20.66
N TYR A 413 7.84 19.42 -20.66
CA TYR A 413 8.25 18.72 -19.42
C TYR A 413 9.67 19.03 -18.91
N PRO A 414 9.79 19.44 -17.63
CA PRO A 414 11.11 19.77 -17.07
C PRO A 414 12.01 18.55 -16.86
N GLY A 415 13.32 18.79 -16.64
CA GLY A 415 14.25 17.74 -16.23
C GLY A 415 15.00 17.01 -17.33
N ARG A 416 14.81 15.70 -17.41
CA ARG A 416 15.53 14.90 -18.36
C ARG A 416 14.60 13.85 -18.94
N ILE A 417 14.01 14.17 -20.10
CA ILE A 417 12.88 13.41 -20.65
C ILE A 417 13.31 12.47 -21.77
N SER A 418 12.89 11.21 -21.68
CA SER A 418 13.06 10.19 -22.73
C SER A 418 11.77 10.24 -23.55
N ASN A 419 11.84 10.00 -24.85
CA ASN A 419 10.65 10.14 -25.70
C ASN A 419 9.97 8.85 -26.16
N ASN A 420 10.75 7.77 -26.14
CA ASN A 420 10.22 6.40 -26.01
C ASN A 420 10.25 6.04 -24.51
N VAL A 421 9.09 5.61 -24.02
CA VAL A 421 8.81 5.44 -22.60
C VAL A 421 9.33 4.09 -22.06
N TYR A 422 9.74 3.22 -22.96
CA TYR A 422 10.25 1.92 -22.55
C TYR A 422 11.78 2.00 -22.33
N SER A 423 12.17 2.61 -21.22
CA SER A 423 13.58 2.71 -20.86
C SER A 423 13.81 2.55 -19.36
N GLU A 424 15.06 2.30 -18.98
CA GLU A 424 15.44 2.16 -17.57
C GLU A 424 16.26 3.36 -17.14
N GLU A 425 15.92 4.52 -17.71
CA GLU A 425 16.63 5.77 -17.48
C GLU A 425 16.33 6.32 -16.09
N ALA A 426 15.04 6.30 -15.72
CA ALA A 426 14.58 6.76 -14.41
C ALA A 426 15.20 5.89 -13.37
N ALA A 427 15.08 4.58 -13.60
CA ALA A 427 15.74 3.57 -12.79
C ALA A 427 17.26 3.83 -12.61
N ARG A 428 17.99 4.03 -13.71
CA ARG A 428 19.41 4.32 -13.60
C ARG A 428 19.61 5.50 -12.69
N GLY A 429 18.76 6.51 -12.83
CA GLY A 429 18.82 7.71 -12.00
C GLY A 429 18.61 7.41 -10.52
N LEU A 430 17.77 6.41 -10.27
CA LEU A 430 17.47 6.00 -8.92
C LEU A 430 18.73 5.42 -8.31
N TYR A 431 19.34 4.48 -9.00
CA TYR A 431 20.51 3.86 -8.45
C TYR A 431 21.64 4.85 -8.38
N ALA A 432 21.64 5.80 -9.29
CA ALA A 432 22.70 6.80 -9.30
C ALA A 432 22.64 7.77 -8.10
N HIS A 433 21.43 8.13 -7.65
CA HIS A 433 21.31 9.01 -6.51
C HIS A 433 21.65 8.20 -5.27
N TRP A 434 21.13 6.98 -5.22
CA TRP A 434 21.46 6.04 -4.18
C TRP A 434 22.97 6.03 -3.97
N LEU A 435 23.70 5.97 -5.08
CA LEU A 435 25.13 5.89 -5.05
C LEU A 435 25.71 7.16 -4.47
N ARG A 436 25.14 8.31 -4.84
CA ARG A 436 25.58 9.60 -4.35
C ARG A 436 25.31 9.66 -2.84
N MET A 437 24.14 9.22 -2.41
CA MET A 437 23.78 9.26 -0.97
C MET A 437 24.70 8.36 -0.22
N MET A 438 25.00 7.18 -0.77
CA MET A 438 25.74 6.18 -0.05
C MET A 438 27.21 6.55 0.16
N THR A 439 27.73 7.41 -0.72
CA THR A 439 29.16 7.77 -0.76
C THR A 439 29.53 9.19 -0.24
N SER A 440 28.54 10.00 0.13
CA SER A 440 28.74 11.31 0.78
C SER A 440 28.79 11.20 2.32
N PRO A 441 29.69 11.96 2.98
CA PRO A 441 29.43 12.11 4.42
C PRO A 441 28.74 13.45 4.84
N ASP A 442 28.29 14.28 3.89
CA ASP A 442 28.15 15.76 4.09
C ASP A 442 27.04 16.54 3.35
N TRP A 443 26.63 16.03 2.19
CA TRP A 443 25.87 16.78 1.18
C TRP A 443 26.78 17.35 0.08
N ASP A 444 26.59 16.81 -1.14
CA ASP A 444 27.30 17.22 -2.37
C ASP A 444 26.67 18.48 -3.02
N ALA B 8 -22.38 -6.79 16.89
CA ALA B 8 -22.88 -7.65 15.76
C ALA B 8 -24.25 -7.16 15.16
N ASP B 9 -25.26 -7.10 16.04
CA ASP B 9 -26.67 -7.26 15.68
C ASP B 9 -26.82 -8.69 15.24
N VAL B 10 -27.74 -9.41 15.86
CA VAL B 10 -28.02 -10.80 15.51
C VAL B 10 -27.28 -11.71 16.48
N PHE B 11 -26.17 -11.18 17.01
CA PHE B 11 -25.31 -11.94 17.89
C PHE B 11 -24.99 -11.24 19.21
N LEU B 12 -25.77 -10.24 19.56
CA LEU B 12 -25.67 -9.69 20.91
C LEU B 12 -26.25 -10.76 21.82
N ARG B 13 -27.14 -11.58 21.26
CA ARG B 13 -27.78 -12.62 22.04
C ARG B 13 -27.60 -13.99 21.38
N LYS B 14 -27.54 -15.02 22.22
CA LYS B 14 -27.22 -16.39 21.82
C LYS B 14 -28.24 -16.96 20.87
N PRO B 15 -27.80 -17.39 19.69
CA PRO B 15 -28.56 -17.81 18.53
C PRO B 15 -30.10 -17.83 18.69
N ALA B 16 -30.76 -18.90 19.15
CA ALA B 16 -30.40 -20.30 19.20
C ALA B 16 -31.87 -20.78 19.14
N PRO B 17 -32.18 -22.10 19.15
CA PRO B 17 -31.40 -23.26 18.96
C PRO B 17 -31.44 -23.91 17.58
N VAL B 18 -32.47 -23.76 16.73
CA VAL B 18 -32.55 -24.62 15.46
C VAL B 18 -32.39 -26.11 15.87
N ALA B 19 -31.78 -27.04 15.13
CA ALA B 19 -32.02 -27.33 13.74
C ALA B 19 -32.51 -28.72 14.02
N PRO B 20 -31.64 -29.78 14.05
CA PRO B 20 -30.27 -30.05 13.60
C PRO B 20 -30.13 -30.44 12.12
N GLU B 21 -31.23 -30.70 11.43
CA GLU B 21 -31.14 -30.95 9.99
C GLU B 21 -30.59 -29.71 9.33
N LEU B 22 -31.02 -28.55 9.83
CA LEU B 22 -30.59 -27.24 9.36
C LEU B 22 -29.12 -26.99 9.61
N GLN B 23 -28.70 -27.10 10.87
CA GLN B 23 -27.29 -27.01 11.26
C GLN B 23 -26.44 -27.80 10.32
N HIS B 24 -26.77 -29.07 10.11
CA HIS B 24 -26.01 -29.87 9.17
C HIS B 24 -25.99 -29.29 7.77
N GLU B 25 -27.17 -28.87 7.31
CA GLU B 25 -27.35 -28.41 5.94
C GLU B 25 -26.47 -27.22 5.64
N VAL B 26 -26.30 -26.35 6.64
CA VAL B 26 -25.42 -25.18 6.51
C VAL B 26 -23.94 -25.60 6.53
N GLU B 27 -23.56 -26.37 7.54
CA GLU B 27 -22.19 -26.85 7.69
C GLU B 27 -21.76 -27.56 6.43
N GLN B 28 -22.67 -28.33 5.85
CA GLN B 28 -22.32 -29.10 4.68
C GLN B 28 -22.14 -28.18 3.48
N PHE B 29 -22.97 -27.14 3.41
CA PHE B 29 -22.72 -26.09 2.45
C PHE B 29 -21.30 -25.55 2.58
N TYR B 30 -20.88 -25.14 3.77
CA TYR B 30 -19.54 -24.60 3.95
C TYR B 30 -18.41 -25.57 3.61
N TYR B 31 -18.59 -26.84 4.01
CA TYR B 31 -17.58 -27.87 3.77
C TYR B 31 -17.35 -28.06 2.30
N TRP B 32 -18.46 -28.02 1.57
CA TRP B 32 -18.45 -28.08 0.12
C TRP B 32 -17.76 -26.86 -0.44
N GLU B 33 -18.11 -25.69 0.07
CA GLU B 33 -17.55 -24.47 -0.46
C GLU B 33 -16.04 -24.49 -0.32
N ALA B 34 -15.59 -25.01 0.81
CA ALA B 34 -14.19 -25.18 1.09
C ALA B 34 -13.55 -26.18 0.13
N LYS B 35 -14.22 -27.33 -0.09
CA LYS B 35 -13.73 -28.27 -1.08
C LYS B 35 -13.45 -27.59 -2.43
N LEU B 36 -14.42 -26.84 -2.94
CA LEU B 36 -14.22 -26.14 -4.20
C LEU B 36 -12.99 -25.25 -4.07
N LEU B 37 -12.99 -24.35 -3.10
CA LEU B 37 -11.85 -23.46 -2.91
C LEU B 37 -10.50 -24.18 -2.87
N ASN B 38 -10.38 -25.24 -2.06
CA ASN B 38 -9.09 -25.93 -1.90
C ASN B 38 -8.72 -26.80 -3.09
N ASP B 39 -9.73 -27.28 -3.83
CA ASP B 39 -9.48 -28.09 -5.02
C ASP B 39 -9.26 -27.26 -6.26
N ARG B 40 -9.26 -25.94 -6.10
CA ARG B 40 -8.99 -24.99 -7.19
C ARG B 40 -10.15 -24.96 -8.20
N ARG B 41 -11.25 -25.59 -7.81
CA ARG B 41 -12.43 -25.70 -8.60
C ARG B 41 -13.22 -24.36 -8.53
N PHE B 42 -12.61 -23.33 -9.10
CA PHE B 42 -13.05 -21.94 -8.97
C PHE B 42 -14.26 -21.60 -9.81
N GLU B 43 -14.33 -22.11 -11.04
CA GLU B 43 -15.52 -21.82 -11.85
C GLU B 43 -16.76 -22.09 -11.02
N GLU B 44 -16.75 -23.26 -10.39
CA GLU B 44 -17.89 -23.74 -9.67
C GLU B 44 -18.18 -22.94 -8.40
N TRP B 45 -17.15 -22.33 -7.82
CA TRP B 45 -17.29 -21.57 -6.59
C TRP B 45 -18.02 -20.26 -6.81
N PHE B 46 -17.51 -19.43 -7.70
CA PHE B 46 -18.16 -18.16 -8.05
C PHE B 46 -19.63 -18.32 -8.28
N ALA B 47 -19.99 -19.42 -8.94
CA ALA B 47 -21.38 -19.81 -9.16
C ALA B 47 -22.22 -19.84 -7.88
N LEU B 48 -21.58 -19.75 -6.73
CA LEU B 48 -22.30 -19.81 -5.47
C LEU B 48 -22.73 -18.42 -5.06
N LEU B 49 -22.04 -17.41 -5.57
CA LEU B 49 -22.36 -16.03 -5.20
C LEU B 49 -23.67 -15.54 -5.84
N ALA B 50 -24.57 -15.04 -5.00
CA ALA B 50 -25.83 -14.40 -5.42
C ALA B 50 -25.47 -13.19 -6.27
N GLU B 51 -26.30 -12.78 -7.23
CA GLU B 51 -25.88 -11.67 -8.10
C GLU B 51 -25.79 -10.34 -7.35
N ASP B 52 -26.31 -10.31 -6.13
CA ASP B 52 -26.14 -9.14 -5.25
C ASP B 52 -25.08 -9.39 -4.14
N ILE B 53 -24.32 -10.46 -4.30
CA ILE B 53 -23.16 -10.66 -3.47
C ILE B 53 -22.47 -9.35 -3.17
N HIS B 54 -22.19 -9.19 -1.89
CA HIS B 54 -21.32 -8.15 -1.43
C HIS B 54 -20.27 -8.84 -0.59
N TYR B 55 -19.03 -8.80 -1.08
CA TYR B 55 -17.93 -9.61 -0.55
C TYR B 55 -16.93 -8.70 0.12
N PHE B 56 -16.99 -8.67 1.45
CA PHE B 56 -16.34 -7.63 2.26
C PHE B 56 -15.30 -8.11 3.28
N MET B 57 -14.14 -7.46 3.27
CA MET B 57 -13.12 -7.75 4.23
C MET B 57 -12.49 -6.44 4.64
N PRO B 58 -12.92 -5.90 5.78
CA PRO B 58 -12.35 -4.64 6.21
C PRO B 58 -10.94 -4.76 6.74
N ILE B 59 -10.15 -3.70 6.53
CA ILE B 59 -8.87 -3.48 7.19
C ILE B 59 -9.05 -3.27 8.67
N ARG B 60 -8.17 -3.91 9.47
CA ARG B 60 -8.28 -3.87 10.94
C ARG B 60 -7.13 -3.08 11.48
N THR B 61 -7.36 -2.36 12.59
CA THR B 61 -6.30 -1.53 13.17
C THR B 61 -6.00 -1.88 14.64
N THR B 62 -4.75 -1.78 15.03
CA THR B 62 -4.42 -1.97 16.41
C THR B 62 -4.90 -0.70 17.12
N ARG B 63 -5.74 -0.87 18.13
CA ARG B 63 -6.29 0.27 18.85
C ARG B 63 -6.10 0.07 20.31
N ILE B 64 -6.04 1.20 21.01
CA ILE B 64 -6.09 1.28 22.46
C ILE B 64 -7.40 0.67 22.99
N MET B 65 -7.35 -0.02 24.12
CA MET B 65 -8.49 -0.86 24.55
C MET B 65 -9.86 -0.20 24.64
N ARG B 66 -9.94 1.06 25.08
CA ARG B 66 -11.23 1.79 25.08
C ARG B 66 -11.76 2.14 23.67
N ASP B 67 -10.89 2.03 22.68
CA ASP B 67 -11.22 2.41 21.33
C ASP B 67 -11.38 1.19 20.44
N SER B 68 -11.49 0.00 21.05
CA SER B 68 -11.69 -1.26 20.32
C SER B 68 -12.66 -1.03 19.18
N ARG B 69 -13.84 -0.53 19.53
CA ARG B 69 -14.77 0.11 18.61
C ARG B 69 -14.22 0.50 17.24
N LEU B 70 -13.12 1.22 17.19
CA LEU B 70 -12.61 1.78 15.93
C LEU B 70 -11.78 0.83 15.06
N GLU B 71 -11.74 -0.43 15.44
CA GLU B 71 -10.90 -1.42 14.80
C GLU B 71 -11.08 -1.54 13.33
N TYR B 72 -12.31 -1.79 12.92
CA TYR B 72 -12.57 -2.12 11.54
C TYR B 72 -12.84 -0.88 10.72
N SER B 73 -12.37 -0.90 9.48
CA SER B 73 -12.69 0.14 8.53
C SER B 73 -14.20 0.05 8.23
N GLY B 74 -14.91 1.18 8.26
CA GLY B 74 -16.33 1.24 7.90
C GLY B 74 -16.55 1.25 6.39
N SER B 75 -17.80 1.42 5.96
CA SER B 75 -18.17 1.10 4.57
C SER B 75 -17.82 2.13 3.49
N ARG B 76 -17.51 3.37 3.88
CA ARG B 76 -17.07 4.34 2.88
C ARG B 76 -15.54 4.41 2.81
N GLU B 77 -14.87 3.59 3.61
CA GLU B 77 -13.39 3.57 3.70
C GLU B 77 -12.75 2.32 3.06
N TYR B 78 -11.45 2.39 2.81
CA TYR B 78 -10.64 1.37 2.13
C TYR B 78 -10.73 0.01 2.80
N ALA B 79 -10.90 -1.02 2.00
CA ALA B 79 -10.95 -2.39 2.50
C ALA B 79 -9.86 -3.22 1.86
N HIS B 80 -9.78 -4.49 2.25
CA HIS B 80 -8.93 -5.48 1.58
C HIS B 80 -9.71 -6.00 0.38
N PHE B 81 -11.03 -6.02 0.57
CA PHE B 81 -12.00 -6.55 -0.37
C PHE B 81 -13.33 -5.83 -0.18
N ASP B 82 -13.94 -5.43 -1.30
CA ASP B 82 -15.26 -4.83 -1.29
C ASP B 82 -15.94 -5.04 -2.64
N ASP B 83 -16.35 -6.26 -2.92
CA ASP B 83 -16.66 -6.62 -4.30
C ASP B 83 -18.14 -6.79 -4.66
N ASP B 84 -18.49 -6.21 -5.83
CA ASP B 84 -19.69 -6.44 -6.65
C ASP B 84 -19.70 -7.85 -7.12
N ALA B 85 -20.88 -8.29 -7.58
CA ALA B 85 -20.92 -9.43 -8.50
C ALA B 85 -20.02 -9.17 -9.72
N THR B 86 -20.01 -7.93 -10.19
CA THR B 86 -19.27 -7.60 -11.40
C THR B 86 -17.78 -7.66 -11.17
N MET B 87 -17.33 -7.20 -10.02
CA MET B 87 -15.93 -7.21 -9.71
C MET B 87 -15.42 -8.64 -9.57
N MET B 88 -16.22 -9.47 -8.90
CA MET B 88 -15.94 -10.89 -8.75
C MET B 88 -15.88 -11.61 -10.10
N LYS B 89 -16.97 -11.58 -10.87
CA LYS B 89 -16.96 -12.08 -12.24
C LYS B 89 -15.54 -11.83 -12.82
N GLY B 90 -15.02 -10.64 -12.55
CA GLY B 90 -13.77 -10.16 -13.12
C GLY B 90 -12.54 -10.82 -12.55
N ARG B 91 -12.59 -11.17 -11.26
CA ARG B 91 -11.50 -11.89 -10.62
C ARG B 91 -11.49 -13.31 -11.11
N LEU B 92 -12.67 -13.87 -11.35
CA LEU B 92 -12.76 -15.20 -11.91
C LEU B 92 -12.11 -15.20 -13.26
N ARG B 93 -12.26 -14.11 -14.02
CA ARG B 93 -11.58 -14.02 -15.29
C ARG B 93 -10.08 -14.05 -15.12
N LYS B 94 -9.55 -13.36 -14.10
CA LYS B 94 -8.11 -13.39 -13.81
C LYS B 94 -7.64 -14.79 -13.51
N ILE B 95 -8.36 -15.51 -12.66
CA ILE B 95 -7.99 -16.87 -12.31
C ILE B 95 -8.01 -17.76 -13.55
N THR B 96 -9.12 -17.80 -14.27
CA THR B 96 -9.24 -18.62 -15.48
C THR B 96 -8.18 -18.26 -16.51
N SER B 97 -7.87 -16.97 -16.61
CA SER B 97 -6.89 -16.50 -17.57
C SER B 97 -5.44 -16.94 -17.23
N ASP B 98 -5.09 -17.00 -15.95
CA ASP B 98 -3.78 -17.50 -15.50
C ASP B 98 -3.62 -18.97 -15.83
N VAL B 99 -4.71 -19.71 -15.68
CA VAL B 99 -4.72 -21.13 -15.92
C VAL B 99 -4.43 -21.40 -17.37
N SER B 100 -5.02 -20.62 -18.27
CA SER B 100 -4.90 -20.90 -19.70
C SER B 100 -3.56 -20.47 -20.22
N TRP B 101 -3.37 -19.17 -20.35
CA TRP B 101 -2.11 -18.67 -20.88
C TRP B 101 -1.22 -17.94 -19.85
N SER B 102 -0.35 -18.69 -19.19
CA SER B 102 0.50 -18.17 -18.09
C SER B 102 1.31 -19.27 -17.40
N GLU B 103 2.48 -18.90 -16.89
CA GLU B 103 3.40 -19.86 -16.30
C GLU B 103 3.48 -19.79 -14.76
N ASN B 104 2.54 -19.13 -14.09
CA ASN B 104 2.50 -19.05 -12.60
C ASN B 104 2.21 -20.40 -11.97
N PRO B 105 2.72 -20.63 -10.76
CA PRO B 105 2.47 -21.89 -10.12
C PRO B 105 1.18 -21.91 -9.33
N ALA B 106 0.65 -23.12 -9.16
CA ALA B 106 -0.60 -23.33 -8.47
C ALA B 106 -0.35 -23.27 -6.96
N SER B 107 -1.40 -23.04 -6.22
CA SER B 107 -1.24 -22.59 -4.88
C SER B 107 -2.05 -23.52 -4.02
N ARG B 108 -1.45 -23.99 -2.92
CA ARG B 108 -2.12 -24.98 -2.05
C ARG B 108 -2.80 -24.39 -0.81
N THR B 109 -4.12 -24.57 -0.73
CA THR B 109 -4.92 -24.02 0.37
C THR B 109 -5.69 -25.11 1.15
N ARG B 110 -6.00 -24.79 2.42
CA ARG B 110 -6.98 -25.52 3.25
C ARG B 110 -7.89 -24.55 4.00
N HIS B 111 -9.19 -24.82 3.99
CA HIS B 111 -10.09 -23.98 4.76
C HIS B 111 -10.73 -24.77 5.87
N LEU B 112 -10.27 -24.61 7.10
CA LEU B 112 -10.95 -25.26 8.21
C LEU B 112 -12.19 -24.55 8.71
N VAL B 113 -13.37 -25.12 8.55
CA VAL B 113 -14.56 -24.35 8.91
C VAL B 113 -15.12 -24.70 10.28
N SER B 114 -15.46 -23.75 11.14
CA SER B 114 -15.95 -24.30 12.36
C SER B 114 -17.12 -23.78 13.14
N ASN B 115 -16.94 -22.77 13.95
CA ASN B 115 -17.95 -22.51 14.96
C ASN B 115 -19.18 -21.90 14.33
N VAL B 116 -19.97 -22.70 13.63
CA VAL B 116 -21.04 -22.16 12.78
C VAL B 116 -22.25 -21.96 13.65
N MET B 117 -22.73 -20.71 13.68
CA MET B 117 -23.94 -20.38 14.42
C MET B 117 -24.93 -19.81 13.43
N ILE B 118 -26.19 -20.19 13.57
CA ILE B 118 -27.25 -19.86 12.59
C ILE B 118 -28.43 -19.10 13.21
N VAL B 119 -28.73 -17.92 12.72
CA VAL B 119 -30.04 -17.29 13.07
C VAL B 119 -30.82 -16.91 11.80
N GLY B 120 -32.15 -16.97 11.86
CA GLY B 120 -32.95 -16.68 10.67
C GLY B 120 -33.00 -15.20 10.44
N ALA B 121 -33.53 -14.78 9.31
CA ALA B 121 -33.73 -13.34 9.06
C ALA B 121 -35.18 -13.15 8.57
N GLU B 122 -35.47 -11.96 8.02
CA GLU B 122 -36.69 -11.80 7.21
C GLU B 122 -36.52 -12.46 5.84
N ALA B 123 -37.57 -13.08 5.35
CA ALA B 123 -37.55 -13.81 4.07
C ALA B 123 -37.10 -15.27 4.26
N GLU B 124 -37.64 -16.14 3.40
CA GLU B 124 -37.94 -17.54 3.75
C GLU B 124 -36.89 -18.45 4.46
N GLY B 125 -35.76 -18.75 3.82
CA GLY B 125 -35.27 -18.08 2.62
C GLY B 125 -33.87 -17.83 3.06
N GLU B 126 -33.72 -16.79 3.89
CA GLU B 126 -32.44 -16.21 4.22
C GLU B 126 -32.01 -16.37 5.68
N TYR B 127 -30.80 -16.86 5.86
CA TYR B 127 -30.23 -17.13 7.15
C TYR B 127 -28.98 -16.32 7.40
N GLU B 128 -28.66 -16.06 8.66
CA GLU B 128 -27.50 -15.26 9.00
C GLU B 128 -26.49 -16.09 9.80
N ILE B 129 -25.21 -16.02 9.42
CA ILE B 129 -24.23 -16.95 9.96
C ILE B 129 -22.95 -16.35 10.54
N SER B 130 -22.45 -17.02 11.58
CA SER B 130 -21.13 -16.73 12.16
C SER B 130 -20.35 -18.02 12.14
N SER B 131 -19.15 -17.98 11.58
CA SER B 131 -18.30 -19.15 11.57
C SER B 131 -16.84 -18.80 11.88
N ALA B 132 -16.03 -19.81 12.17
CA ALA B 132 -14.63 -19.59 12.44
C ALA B 132 -13.84 -20.10 11.25
N PHE B 133 -12.53 -20.15 11.40
CA PHE B 133 -11.70 -19.92 10.23
C PHE B 133 -10.54 -20.72 9.77
N ILE B 134 -9.41 -20.65 10.47
CA ILE B 134 -8.10 -21.04 9.88
C ILE B 134 -7.95 -21.40 8.38
N VAL B 135 -7.29 -20.53 7.64
CA VAL B 135 -6.88 -20.85 6.30
C VAL B 135 -5.36 -21.01 6.27
N TYR B 136 -4.95 -22.04 5.55
CA TYR B 136 -3.62 -22.53 5.62
C TYR B 136 -3.11 -22.48 4.21
N ARG B 137 -2.13 -21.64 3.93
CA ARG B 137 -1.72 -21.53 2.53
C ARG B 137 -0.25 -21.80 2.34
N ASN B 138 0.05 -22.86 1.62
CA ASN B 138 1.44 -23.26 1.36
C ASN B 138 1.59 -23.13 -0.12
N ARG B 139 2.76 -22.73 -0.60
CA ARG B 139 2.96 -22.57 -2.03
C ARG B 139 4.41 -22.47 -2.37
N LEU B 140 4.83 -23.07 -3.48
CA LEU B 140 6.23 -23.12 -3.93
C LEU B 140 7.32 -23.47 -2.90
N GLU B 141 7.50 -24.76 -2.65
CA GLU B 141 8.65 -25.16 -1.82
C GLU B 141 8.38 -24.94 -0.35
N ARG B 142 8.53 -23.71 0.12
CA ARG B 142 8.42 -23.47 1.55
C ARG B 142 7.50 -22.37 2.05
N GLN B 143 6.89 -21.57 1.20
CA GLN B 143 6.07 -20.45 1.72
C GLN B 143 4.84 -20.98 2.43
N LEU B 144 4.50 -20.36 3.55
CA LEU B 144 3.42 -20.80 4.42
C LEU B 144 2.87 -19.57 5.13
N ASP B 145 1.57 -19.35 5.06
CA ASP B 145 0.96 -18.36 5.92
C ASP B 145 -0.24 -19.04 6.50
N ILE B 146 -0.59 -18.67 7.72
CA ILE B 146 -1.80 -19.18 8.34
C ILE B 146 -2.66 -17.99 8.70
N PHE B 147 -3.93 -18.00 8.32
CA PHE B 147 -4.81 -16.89 8.62
C PHE B 147 -5.96 -17.41 9.43
N ALA B 148 -6.45 -16.68 10.41
CA ALA B 148 -7.76 -17.05 11.03
C ALA B 148 -8.71 -15.84 11.14
N GLY B 149 -9.90 -16.07 11.66
CA GLY B 149 -10.96 -15.06 11.67
C GLY B 149 -12.40 -15.55 11.63
N GLU B 150 -13.30 -14.63 11.32
CA GLU B 150 -14.72 -14.91 11.31
C GLU B 150 -15.30 -14.50 9.97
N ARG B 151 -16.06 -15.43 9.37
CA ARG B 151 -16.95 -15.10 8.28
C ARG B 151 -18.31 -14.83 8.90
N ARG B 152 -18.86 -13.64 8.62
CA ARG B 152 -20.27 -13.34 8.88
C ARG B 152 -21.00 -13.29 7.55
N ASP B 153 -21.76 -14.33 7.24
CA ASP B 153 -22.40 -14.45 5.93
C ASP B 153 -23.90 -14.25 5.99
N THR B 154 -24.48 -13.80 4.88
CA THR B 154 -25.93 -13.93 4.66
C THR B 154 -26.10 -14.97 3.56
N LEU B 155 -26.79 -16.06 3.88
CA LEU B 155 -27.09 -17.11 2.91
C LEU B 155 -28.55 -17.07 2.45
N ARG B 156 -28.80 -17.40 1.19
CA ARG B 156 -30.16 -17.47 0.68
C ARG B 156 -30.42 -18.85 0.11
N ARG B 157 -31.58 -19.42 0.46
CA ARG B 157 -32.05 -20.65 -0.16
C ARG B 157 -32.15 -20.47 -1.66
N ASN B 158 -32.20 -21.59 -2.38
CA ASN B 158 -31.76 -21.63 -3.75
C ASN B 158 -32.11 -22.98 -4.37
N THR B 159 -32.52 -22.98 -5.64
CA THR B 159 -32.88 -24.25 -6.28
C THR B 159 -31.73 -25.02 -6.90
N SER B 160 -30.49 -24.65 -6.59
CA SER B 160 -29.34 -25.36 -7.17
C SER B 160 -29.05 -26.65 -6.42
N GLU B 161 -28.15 -27.44 -6.98
CA GLU B 161 -27.63 -28.63 -6.30
C GLU B 161 -26.85 -28.20 -5.06
N ALA B 162 -26.30 -26.98 -5.05
CA ALA B 162 -25.62 -26.44 -3.87
C ALA B 162 -26.58 -26.02 -2.74
N GLY B 163 -27.79 -25.61 -3.11
CA GLY B 163 -28.86 -25.27 -2.14
C GLY B 163 -28.90 -23.86 -1.60
N PHE B 164 -27.79 -23.13 -1.76
CA PHE B 164 -27.67 -21.80 -1.20
C PHE B 164 -26.83 -20.97 -2.13
N GLU B 165 -26.87 -19.66 -1.87
CA GLU B 165 -26.04 -18.70 -2.58
C GLU B 165 -25.62 -17.68 -1.56
N ILE B 166 -24.40 -17.18 -1.70
CA ILE B 166 -23.87 -16.25 -0.71
C ILE B 166 -24.24 -14.85 -1.14
N VAL B 167 -25.11 -14.19 -0.38
CA VAL B 167 -25.49 -12.80 -0.69
C VAL B 167 -24.65 -11.78 0.05
N ASN B 168 -24.26 -12.11 1.27
CA ASN B 168 -23.33 -11.26 2.01
C ASN B 168 -22.24 -12.05 2.65
N ARG B 169 -21.01 -11.60 2.46
CA ARG B 169 -19.87 -12.14 3.20
C ARG B 169 -19.01 -11.02 3.76
N THR B 170 -18.77 -11.10 5.06
CA THR B 170 -17.98 -10.11 5.77
C THR B 170 -16.86 -10.88 6.46
N ILE B 171 -15.63 -10.60 6.11
CA ILE B 171 -14.52 -11.42 6.56
C ILE B 171 -13.70 -10.67 7.62
N LEU B 172 -13.84 -11.14 8.84
CA LEU B 172 -13.17 -10.43 9.92
C LEU B 172 -11.86 -11.10 10.27
N ILE B 173 -10.79 -10.69 9.60
CA ILE B 173 -9.46 -11.24 9.82
C ILE B 173 -8.88 -10.96 11.20
N ASP B 174 -8.13 -11.91 11.76
CA ASP B 174 -7.46 -11.67 13.04
C ASP B 174 -5.99 -11.24 12.77
N GLN B 175 -5.89 -10.09 12.13
CA GLN B 175 -4.65 -9.70 11.52
C GLN B 175 -4.61 -8.18 11.33
N SER B 176 -3.55 -7.60 11.88
CA SER B 176 -3.37 -6.18 11.86
C SER B 176 -2.86 -5.84 10.45
N THR B 177 -1.54 -5.70 10.30
CA THR B 177 -0.85 -5.74 9.01
C THR B 177 -1.11 -7.13 8.43
N ILE B 178 -1.24 -7.26 7.11
CA ILE B 178 -1.45 -8.57 6.50
C ILE B 178 -0.15 -9.33 6.52
N LEU B 179 -0.16 -10.51 7.11
CA LEU B 179 1.11 -11.24 7.33
C LEU B 179 1.66 -12.05 6.14
N ALA B 180 0.91 -12.19 5.06
CA ALA B 180 1.48 -12.83 3.88
C ALA B 180 1.97 -11.73 2.93
N ASN B 181 2.13 -12.03 1.65
CA ASN B 181 2.69 -11.06 0.71
C ASN B 181 1.70 -10.67 -0.37
N ASN B 182 0.54 -11.30 -0.35
CA ASN B 182 -0.54 -11.02 -1.28
C ASN B 182 -1.81 -11.66 -0.69
N LEU B 183 -2.99 -11.28 -1.18
CA LEU B 183 -4.21 -12.03 -0.82
C LEU B 183 -4.92 -12.59 -2.06
N SER B 184 -4.23 -13.50 -2.75
CA SER B 184 -4.76 -14.09 -3.97
C SER B 184 -5.86 -15.16 -3.78
N PHE B 185 -6.06 -15.71 -2.58
CA PHE B 185 -7.09 -16.75 -2.41
C PHE B 185 -8.41 -16.14 -2.06
N PHE B 186 -9.38 -16.97 -1.70
CA PHE B 186 -10.67 -16.46 -1.24
C PHE B 186 -11.11 -17.10 0.03
N PHE B 187 -11.38 -16.26 1.03
CA PHE B 187 -12.08 -16.69 2.23
C PHE B 187 -13.58 -16.94 1.88
FE1 FES C . 10.94 4.32 31.67
FE2 FES C . 9.19 4.98 29.60
S1 FES C . 9.55 6.01 31.48
S2 FES C . 11.00 3.75 29.58
FE FE2 D . -23.88 -32.09 14.13
#